data_4C6T
#
_entry.id   4C6T
#
_cell.length_a   93.359
_cell.length_b   93.359
_cell.length_c   416.648
_cell.angle_alpha   90.00
_cell.angle_beta   90.00
_cell.angle_gamma   120.00
#
_symmetry.space_group_name_H-M   'P 61 2 2'
#
loop_
_entity.id
_entity.type
_entity.pdbx_description
1 polymer 'PROBABLE WRKY TRANSCRIPTION FACTOR 52'
2 polymer 'DISEASE RESISTANCE PROTEIN RPS4'
3 non-polymer 'MALONIC ACID'
#
loop_
_entity_poly.entity_id
_entity_poly.type
_entity_poly.pdbx_seq_one_letter_code
_entity_poly.pdbx_strand_id
1 'polypeptide(L)'
;SNAKDEEFVCISCVEEVRYSFVSHLSEALRRKGINNVVVDVDIDDLLFKESQAKIEKAGVSVMVLPGNCDPSEVWLDKFA
KVLECQRNNKDQAVVSVLYGDSLLRDQWLSELDFRGLSRIHQSRKECSDSILVEEIVRDVYETHFYVGRIG
;
A,C
2 'polypeptide(L)'
;GSGGSDKPPQHQVFINFRGADLRRRFVSHLVTALKLNNINVFIDDYEDRGQPLDVLLKRIEESKIVLAIFSGNYTESVWC
VRELEKIKDCTDEGTLVAIPIFYKLEPSTVRDLKGKFGDRFRSMAKGDERKKKWKEAFNLIPNIMGIIIDKKSVESEKVN
EIVKAVKTALTGI
;
B,D
#
# COMPACT_ATOMS: atom_id res chain seq x y z
N GLU A 6 -1.22 -11.93 -25.34
CA GLU A 6 -2.51 -12.51 -24.96
C GLU A 6 -3.35 -11.49 -24.17
N GLU A 7 -3.55 -11.76 -22.89
CA GLU A 7 -4.40 -10.91 -22.06
C GLU A 7 -3.62 -9.73 -21.51
N PHE A 8 -4.21 -8.55 -21.56
CA PHE A 8 -3.49 -7.37 -21.16
C PHE A 8 -4.38 -6.25 -20.67
N VAL A 9 -3.69 -5.20 -20.21
CA VAL A 9 -4.33 -4.10 -19.52
C VAL A 9 -4.04 -2.83 -20.27
N CYS A 10 -5.05 -1.98 -20.37
CA CYS A 10 -4.88 -0.71 -21.03
C CYS A 10 -5.05 0.41 -20.05
N ILE A 11 -4.02 1.25 -19.94
CA ILE A 11 -4.06 2.44 -19.09
C ILE A 11 -4.31 3.66 -19.94
N SER A 12 -5.33 4.43 -19.58
CA SER A 12 -5.67 5.67 -20.29
C SER A 12 -5.39 6.87 -19.41
N CYS A 13 -4.80 7.92 -19.98
CA CYS A 13 -4.50 9.11 -19.19
C CYS A 13 -4.24 10.32 -20.06
N VAL A 14 -4.13 11.51 -19.45
CA VAL A 14 -3.73 12.70 -20.21
C VAL A 14 -2.20 12.78 -20.23
N GLU A 15 -1.64 13.67 -21.05
CA GLU A 15 -0.18 13.71 -21.24
C GLU A 15 0.61 14.13 -20.00
N GLU A 16 0.07 15.06 -19.22
CA GLU A 16 0.78 15.58 -18.05
C GLU A 16 1.22 14.48 -17.08
N VAL A 17 0.48 13.37 -17.03
CA VAL A 17 0.84 12.29 -16.10
C VAL A 17 1.48 11.09 -16.81
N ARG A 18 1.52 11.14 -18.14
CA ARG A 18 2.00 10.02 -18.92
C ARG A 18 3.42 9.60 -18.50
N TYR A 19 4.31 10.58 -18.37
CA TYR A 19 5.70 10.26 -18.12
C TYR A 19 6.02 10.20 -16.65
N SER A 20 5.08 10.58 -15.79
CA SER A 20 5.35 10.50 -14.35
C SER A 20 4.53 9.37 -13.74
N PHE A 21 3.39 9.73 -13.13
CA PHE A 21 2.62 8.74 -12.35
C PHE A 21 2.29 7.47 -13.15
N VAL A 22 1.82 7.62 -14.38
CA VAL A 22 1.41 6.45 -15.15
C VAL A 22 2.60 5.55 -15.48
N SER A 23 3.79 6.12 -15.72
CA SER A 23 4.94 5.27 -16.03
C SER A 23 5.25 4.34 -14.87
N HIS A 24 5.07 4.84 -13.65
CA HIS A 24 5.30 4.01 -12.47
C HIS A 24 4.25 2.93 -12.40
N LEU A 25 3.02 3.31 -12.75
CA LEU A 25 1.91 2.38 -12.73
C LEU A 25 2.17 1.23 -13.73
N SER A 26 2.57 1.61 -14.94
CA SER A 26 2.87 0.63 -16.00
C SER A 26 4.06 -0.25 -15.62
N GLU A 27 5.07 0.34 -14.99
CA GLU A 27 6.22 -0.45 -14.56
C GLU A 27 5.81 -1.48 -13.49
N ALA A 28 4.94 -1.07 -12.57
CA ALA A 28 4.54 -1.97 -11.49
C ALA A 28 3.79 -3.22 -11.98
N LEU A 29 2.87 -3.02 -12.90
CA LEU A 29 2.15 -4.12 -13.51
C LEU A 29 3.12 -5.05 -14.23
N ARG A 30 4.10 -4.43 -14.89
CA ARG A 30 5.04 -5.17 -15.69
C ARG A 30 5.93 -6.05 -14.80
N ARG A 31 6.30 -5.57 -13.61
CA ARG A 31 7.09 -6.35 -12.64
C ARG A 31 6.31 -7.56 -12.13
N LYS A 32 4.99 -7.42 -12.13
CA LYS A 32 4.07 -8.41 -11.58
C LYS A 32 3.63 -9.38 -12.68
N GLY A 33 4.24 -9.22 -13.87
CA GLY A 33 4.00 -10.09 -15.00
C GLY A 33 2.70 -9.82 -15.75
N ILE A 34 2.18 -8.61 -15.64
CA ILE A 34 0.93 -8.23 -16.32
C ILE A 34 1.21 -7.24 -17.44
N ASN A 35 1.11 -7.73 -18.68
CA ASN A 35 1.30 -6.92 -19.87
C ASN A 35 0.38 -5.74 -19.93
N ASN A 36 0.91 -4.58 -20.30
CA ASN A 36 0.04 -3.42 -20.41
C ASN A 36 0.52 -2.42 -21.44
N VAL A 37 -0.40 -1.56 -21.86
CA VAL A 37 -0.09 -0.55 -22.84
C VAL A 37 -0.72 0.77 -22.36
N VAL A 38 -0.10 1.91 -22.65
CA VAL A 38 -0.60 3.20 -22.20
C VAL A 38 -1.18 4.00 -23.36
N VAL A 39 -2.43 4.42 -23.25
CA VAL A 39 -2.99 5.24 -24.30
C VAL A 39 -3.15 6.71 -23.84
N ASP A 40 -2.71 7.61 -24.70
CA ASP A 40 -2.84 9.02 -24.46
C ASP A 40 -4.13 9.55 -25.04
N VAL A 41 -4.96 10.17 -24.20
CA VAL A 41 -6.27 10.60 -24.66
C VAL A 41 -6.29 12.03 -25.18
N ASP A 42 -5.16 12.72 -25.13
CA ASP A 42 -5.07 14.09 -25.61
C ASP A 42 -5.04 14.14 -27.14
N ILE A 43 -5.03 12.95 -27.74
CA ILE A 43 -5.01 12.84 -29.18
C ILE A 43 -6.45 13.00 -29.66
N ASP A 44 -6.63 13.64 -30.81
CA ASP A 44 -7.97 13.80 -31.36
C ASP A 44 -8.42 12.51 -32.00
N ASP A 45 -9.70 12.47 -32.39
CA ASP A 45 -10.37 11.23 -32.76
C ASP A 45 -9.80 10.61 -34.03
N LEU A 46 -8.85 11.32 -34.65
CA LEU A 46 -8.22 10.91 -35.90
C LEU A 46 -7.11 9.87 -35.73
N LEU A 47 -6.14 10.13 -34.86
CA LEU A 47 -5.07 9.15 -34.59
C LEU A 47 -5.53 8.14 -33.55
N PHE A 48 -6.60 8.50 -32.85
CA PHE A 48 -7.12 7.71 -31.74
C PHE A 48 -7.73 6.42 -32.25
N LYS A 49 -7.92 6.33 -33.57
CA LYS A 49 -8.60 5.20 -34.17
C LYS A 49 -7.77 3.92 -34.06
N GLU A 50 -6.45 4.06 -34.00
CA GLU A 50 -5.57 2.93 -33.74
C GLU A 50 -5.67 2.47 -32.30
N SER A 51 -5.71 3.42 -31.38
CA SER A 51 -5.78 3.11 -29.96
C SER A 51 -7.11 2.49 -29.54
N GLN A 52 -8.18 2.77 -30.28
CA GLN A 52 -9.46 2.14 -29.97
C GLN A 52 -9.33 0.63 -30.03
N ALA A 53 -8.53 0.17 -30.97
CA ALA A 53 -8.30 -1.25 -31.14
C ALA A 53 -7.71 -1.84 -29.87
N LYS A 54 -6.69 -1.19 -29.33
CA LYS A 54 -6.00 -1.73 -28.16
C LYS A 54 -6.90 -1.75 -26.93
N ILE A 55 -7.69 -0.70 -26.72
CA ILE A 55 -8.54 -0.65 -25.54
C ILE A 55 -9.61 -1.74 -25.54
N GLU A 56 -10.16 -2.00 -26.72
CA GLU A 56 -11.27 -2.92 -26.87
C GLU A 56 -10.89 -4.35 -26.48
N LYS A 57 -9.65 -4.76 -26.72
CA LYS A 57 -9.28 -6.15 -26.46
C LYS A 57 -8.58 -6.25 -25.11
N ALA A 58 -8.33 -5.12 -24.48
CA ALA A 58 -7.82 -5.15 -23.12
C ALA A 58 -8.85 -5.76 -22.17
N GLY A 59 -8.41 -6.64 -21.28
CA GLY A 59 -9.31 -7.22 -20.29
C GLY A 59 -9.65 -6.21 -19.21
N VAL A 60 -8.67 -5.39 -18.83
CA VAL A 60 -8.91 -4.42 -17.81
C VAL A 60 -8.51 -3.07 -18.37
N SER A 61 -9.43 -2.13 -18.26
CA SER A 61 -9.21 -0.79 -18.74
C SER A 61 -9.09 0.13 -17.55
N VAL A 62 -7.95 0.79 -17.42
CA VAL A 62 -7.70 1.64 -16.27
C VAL A 62 -7.70 3.11 -16.69
N MET A 63 -8.63 3.86 -16.14
CA MET A 63 -8.78 5.26 -16.47
C MET A 63 -8.14 6.11 -15.38
N VAL A 64 -7.04 6.79 -15.73
CA VAL A 64 -6.35 7.70 -14.82
C VAL A 64 -6.78 9.11 -15.16
N LEU A 65 -7.68 9.64 -14.35
CA LEU A 65 -8.34 10.91 -14.59
C LEU A 65 -7.56 12.08 -14.02
N PRO A 66 -7.63 13.23 -14.71
CA PRO A 66 -6.99 14.45 -14.17
C PRO A 66 -7.90 15.07 -13.12
N GLY A 67 -7.72 14.66 -11.87
CA GLY A 67 -8.65 14.99 -10.81
C GLY A 67 -8.61 16.44 -10.36
N ASN A 68 -7.56 17.17 -10.72
CA ASN A 68 -7.52 18.60 -10.39
C ASN A 68 -8.39 19.44 -11.29
N CYS A 69 -8.86 18.85 -12.39
CA CYS A 69 -9.61 19.58 -13.40
C CYS A 69 -11.11 19.40 -13.26
N ASP A 70 -11.87 20.35 -13.82
CA ASP A 70 -13.32 20.26 -13.88
C ASP A 70 -13.78 19.13 -14.81
N PRO A 71 -14.47 18.12 -14.24
CA PRO A 71 -14.92 16.97 -15.05
C PRO A 71 -15.77 17.41 -16.26
N SER A 72 -16.59 18.43 -16.09
CA SER A 72 -17.43 18.89 -17.20
C SER A 72 -16.59 19.43 -18.36
N GLU A 73 -15.38 19.88 -18.07
CA GLU A 73 -14.50 20.40 -19.12
C GLU A 73 -13.55 19.31 -19.63
N VAL A 74 -13.75 18.07 -19.21
CA VAL A 74 -12.75 17.06 -19.48
C VAL A 74 -13.33 15.68 -19.88
N TRP A 75 -14.39 15.25 -19.21
CA TRP A 75 -14.90 13.92 -19.46
C TRP A 75 -15.25 13.69 -20.95
N LEU A 76 -16.27 14.40 -21.43
CA LEU A 76 -16.78 14.20 -22.78
C LEU A 76 -15.71 14.35 -23.84
N ASP A 77 -14.81 15.28 -23.61
CA ASP A 77 -13.78 15.62 -24.56
C ASP A 77 -12.72 14.51 -24.72
N LYS A 78 -12.42 13.82 -23.61
CA LYS A 78 -11.26 12.90 -23.57
C LYS A 78 -11.56 11.44 -23.20
N PHE A 79 -12.42 11.21 -22.23
CA PHE A 79 -12.56 9.86 -21.70
C PHE A 79 -13.85 9.13 -22.12
N ALA A 80 -14.84 9.86 -22.63
CA ALA A 80 -16.07 9.24 -23.06
C ALA A 80 -15.73 8.14 -24.07
N LYS A 81 -14.81 8.46 -24.98
CA LYS A 81 -14.40 7.53 -26.04
C LYS A 81 -13.75 6.28 -25.45
N VAL A 82 -13.07 6.42 -24.30
CA VAL A 82 -12.46 5.24 -23.68
C VAL A 82 -13.53 4.36 -23.04
N LEU A 83 -14.48 4.97 -22.35
CA LEU A 83 -15.51 4.19 -21.67
C LEU A 83 -16.42 3.49 -22.70
N GLU A 84 -16.47 4.05 -23.89
CA GLU A 84 -17.36 3.54 -24.92
C GLU A 84 -16.78 2.30 -25.58
N CYS A 85 -15.61 1.87 -25.11
CA CYS A 85 -15.02 0.64 -25.60
C CYS A 85 -15.44 -0.57 -24.75
N GLN A 86 -16.05 -0.30 -23.61
CA GLN A 86 -16.55 -1.36 -22.76
C GLN A 86 -17.80 -1.98 -23.39
N ARG A 87 -18.47 -1.26 -24.29
CA ARG A 87 -19.65 -1.81 -24.95
C ARG A 87 -19.30 -2.98 -25.82
N ASN A 88 -18.26 -2.81 -26.63
CA ASN A 88 -17.83 -3.85 -27.58
C ASN A 88 -17.35 -5.11 -26.88
N ASN A 89 -16.71 -4.93 -25.72
CA ASN A 89 -16.19 -6.06 -24.97
C ASN A 89 -16.83 -6.07 -23.60
N LYS A 90 -17.87 -6.90 -23.42
CA LYS A 90 -18.61 -6.91 -22.17
C LYS A 90 -17.90 -7.69 -21.07
N ASP A 91 -16.87 -8.44 -21.45
CA ASP A 91 -16.02 -9.09 -20.47
C ASP A 91 -15.07 -8.08 -19.79
N GLN A 92 -14.85 -6.95 -20.46
CA GLN A 92 -13.90 -5.95 -19.97
C GLN A 92 -14.33 -5.26 -18.68
N ALA A 93 -13.44 -5.18 -17.71
CA ALA A 93 -13.74 -4.42 -16.49
C ALA A 93 -12.99 -3.10 -16.46
N VAL A 94 -13.58 -2.11 -15.82
CA VAL A 94 -13.03 -0.77 -15.83
C VAL A 94 -12.61 -0.32 -14.43
N VAL A 95 -11.36 0.13 -14.31
CA VAL A 95 -10.89 0.70 -13.04
C VAL A 95 -10.62 2.20 -13.18
N SER A 96 -11.07 3.00 -12.22
CA SER A 96 -10.92 4.47 -12.32
C SER A 96 -10.02 5.04 -11.24
N VAL A 97 -9.11 5.92 -11.63
CA VAL A 97 -8.20 6.56 -10.69
C VAL A 97 -8.31 8.06 -10.76
N LEU A 98 -8.67 8.69 -9.64
CA LEU A 98 -8.67 10.15 -9.53
C LEU A 98 -7.32 10.60 -9.02
N TYR A 99 -6.47 11.04 -9.92
CA TYR A 99 -5.11 11.37 -9.56
C TYR A 99 -4.91 12.90 -9.46
N GLY A 100 -4.25 13.37 -8.41
CA GLY A 100 -4.03 14.80 -8.25
C GLY A 100 -3.77 15.29 -6.84
N ASP A 101 -3.05 16.40 -6.72
CA ASP A 101 -2.68 16.91 -5.40
C ASP A 101 -3.71 17.92 -4.88
N SER A 102 -4.69 18.28 -5.71
CA SER A 102 -5.76 19.16 -5.25
C SER A 102 -7.09 18.81 -5.88
N LEU A 103 -7.59 17.63 -5.55
CA LEU A 103 -8.74 17.06 -6.22
C LEU A 103 -10.00 17.88 -6.06
N LEU A 104 -10.71 18.08 -7.17
CA LEU A 104 -12.12 18.43 -7.09
C LEU A 104 -12.88 17.11 -6.84
N ARG A 105 -12.74 16.60 -5.62
CA ARG A 105 -13.15 15.25 -5.29
C ARG A 105 -14.67 15.06 -5.56
N ASP A 106 -15.50 15.93 -5.00
CA ASP A 106 -16.95 15.78 -5.16
C ASP A 106 -17.45 15.91 -6.61
N GLN A 107 -16.94 16.88 -7.35
CA GLN A 107 -17.32 17.04 -8.75
C GLN A 107 -17.05 15.74 -9.54
N TRP A 108 -15.90 15.14 -9.29
CA TRP A 108 -15.51 13.92 -9.99
C TRP A 108 -16.30 12.69 -9.53
N LEU A 109 -16.64 12.63 -8.25
CA LEU A 109 -17.38 11.47 -7.75
C LEU A 109 -18.76 11.48 -8.40
N SER A 110 -19.28 12.69 -8.56
CA SER A 110 -20.55 12.92 -9.21
C SER A 110 -20.50 12.51 -10.68
N GLU A 111 -19.44 12.89 -11.36
CA GLU A 111 -19.30 12.55 -12.76
C GLU A 111 -19.27 11.02 -12.95
N LEU A 112 -18.44 10.37 -12.13
CA LEU A 112 -18.24 8.92 -12.21
C LEU A 112 -19.54 8.18 -11.90
N ASP A 113 -20.31 8.70 -10.94
CA ASP A 113 -21.61 8.12 -10.65
C ASP A 113 -22.52 8.20 -11.88
N PHE A 114 -22.57 9.37 -12.49
CA PHE A 114 -23.43 9.62 -13.64
C PHE A 114 -23.13 8.67 -14.80
N ARG A 115 -21.86 8.28 -14.91
CA ARG A 115 -21.45 7.41 -15.99
C ARG A 115 -21.58 5.95 -15.57
N GLY A 116 -21.88 5.72 -14.28
CA GLY A 116 -22.09 4.39 -13.74
C GLY A 116 -20.83 3.62 -13.35
N LEU A 117 -19.80 4.35 -12.89
CA LEU A 117 -18.54 3.73 -12.47
C LEU A 117 -18.45 3.72 -10.97
N SER A 118 -18.01 2.60 -10.40
CA SER A 118 -17.98 2.44 -8.96
C SER A 118 -16.63 1.99 -8.47
N ARG A 119 -15.85 1.30 -9.30
CA ARG A 119 -14.55 0.80 -8.86
C ARG A 119 -13.51 1.93 -8.87
N ILE A 120 -13.31 2.60 -7.73
CA ILE A 120 -12.59 3.90 -7.68
C ILE A 120 -11.41 4.08 -6.70
N HIS A 121 -10.29 4.57 -7.19
CA HIS A 121 -9.12 4.88 -6.35
C HIS A 121 -8.80 6.38 -6.36
N GLN A 122 -8.35 6.93 -5.23
CA GLN A 122 -8.14 8.39 -5.14
C GLN A 122 -6.76 8.77 -4.56
N SER A 123 -6.19 9.86 -5.04
CA SER A 123 -5.05 10.45 -4.38
C SER A 123 -5.49 10.91 -3.00
N ARG A 124 -4.62 10.71 -2.00
CA ARG A 124 -4.85 11.16 -0.63
C ARG A 124 -3.58 11.84 -0.14
N LYS A 125 -3.64 12.86 0.71
CA LYS A 125 -2.40 13.50 1.12
C LYS A 125 -1.55 12.59 2.03
N GLU A 126 -2.22 11.69 2.73
CA GLU A 126 -1.63 10.77 3.71
C GLU A 126 -0.86 9.59 3.07
N CYS A 127 -1.12 9.28 1.79
CA CYS A 127 -0.47 8.14 1.12
C CYS A 127 0.42 8.60 -0.02
N SER A 128 1.52 7.90 -0.24
CA SER A 128 2.40 8.20 -1.35
C SER A 128 1.79 7.74 -2.66
N ASP A 129 2.34 8.22 -3.77
CA ASP A 129 1.91 7.74 -5.08
C ASP A 129 2.29 6.28 -5.24
N SER A 130 3.36 5.88 -4.55
CA SER A 130 3.82 4.50 -4.57
C SER A 130 2.78 3.57 -3.94
N ILE A 131 2.26 3.97 -2.79
CA ILE A 131 1.20 3.22 -2.14
C ILE A 131 -0.02 3.17 -3.05
N LEU A 132 -0.32 4.29 -3.68
CA LEU A 132 -1.47 4.35 -4.58
C LEU A 132 -1.32 3.35 -5.73
N VAL A 133 -0.11 3.25 -6.27
CA VAL A 133 0.17 2.32 -7.35
C VAL A 133 -0.02 0.90 -6.83
N GLU A 134 0.44 0.65 -5.62
CA GLU A 134 0.30 -0.67 -5.04
C GLU A 134 -1.17 -1.08 -4.96
N GLU A 135 -2.00 -0.15 -4.52
CA GLU A 135 -3.41 -0.43 -4.33
C GLU A 135 -4.08 -0.74 -5.67
N ILE A 136 -3.62 -0.06 -6.72
CA ILE A 136 -4.20 -0.26 -8.04
C ILE A 136 -3.75 -1.58 -8.66
N VAL A 137 -2.46 -1.93 -8.50
CA VAL A 137 -1.96 -3.19 -9.00
C VAL A 137 -2.71 -4.37 -8.38
N ARG A 138 -2.96 -4.30 -7.07
CA ARG A 138 -3.68 -5.36 -6.40
C ARG A 138 -5.10 -5.49 -6.92
N ASP A 139 -5.72 -4.37 -7.25
CA ASP A 139 -7.09 -4.39 -7.74
C ASP A 139 -7.15 -4.98 -9.13
N VAL A 140 -6.23 -4.54 -9.98
CA VAL A 140 -6.13 -5.05 -11.32
C VAL A 140 -5.86 -6.55 -11.35
N TYR A 141 -4.90 -6.99 -10.57
CA TYR A 141 -4.56 -8.41 -10.46
C TYR A 141 -5.82 -9.22 -10.14
N GLU A 142 -6.57 -8.78 -9.13
CA GLU A 142 -7.80 -9.48 -8.73
C GLU A 142 -8.82 -9.52 -9.86
N THR A 143 -8.84 -8.47 -10.67
CA THR A 143 -9.75 -8.37 -11.81
C THR A 143 -9.20 -9.09 -13.05
N HIS A 144 -7.86 -9.14 -13.17
CA HIS A 144 -7.14 -9.72 -14.32
C HIS A 144 -7.46 -11.18 -14.61
N PHE A 145 -7.53 -12.02 -13.58
CA PHE A 145 -7.93 -13.41 -13.79
C PHE A 145 -9.45 -13.59 -13.62
N TYR A 146 -10.09 -12.55 -13.09
CA TYR A 146 -11.54 -12.55 -12.87
C TYR A 146 -12.32 -12.73 -14.16
N PRO B 8 26.62 0.54 13.61
CA PRO B 8 26.52 1.35 12.38
C PRO B 8 26.21 0.51 11.14
N PRO B 9 25.27 0.97 10.28
CA PRO B 9 24.97 0.30 9.01
C PRO B 9 25.95 0.72 7.91
N GLN B 10 26.39 -0.21 7.05
CA GLN B 10 27.48 0.08 6.11
C GLN B 10 27.27 -0.44 4.67
N HIS B 11 26.02 -0.48 4.20
CA HIS B 11 25.69 -0.48 2.77
C HIS B 11 24.57 0.54 2.60
N GLN B 12 24.81 1.74 3.11
CA GLN B 12 23.78 2.73 3.25
C GLN B 12 23.82 3.71 2.08
N VAL B 13 22.64 4.03 1.60
CA VAL B 13 22.48 5.03 0.58
C VAL B 13 21.71 6.19 1.20
N PHE B 14 22.28 7.40 1.12
CA PHE B 14 21.64 8.58 1.68
C PHE B 14 20.86 9.32 0.61
N ILE B 15 19.57 9.59 0.85
CA ILE B 15 18.82 10.33 -0.17
C ILE B 15 18.55 11.76 0.29
N ASN B 16 19.26 12.68 -0.34
CA ASN B 16 19.31 14.10 0.03
C ASN B 16 18.43 14.93 -0.88
N PHE B 17 17.45 15.62 -0.29
CA PHE B 17 16.49 16.42 -1.08
C PHE B 17 15.56 17.23 -0.20
N ARG B 18 14.69 18.04 -0.79
CA ARG B 18 13.64 18.73 0.01
C ARG B 18 12.30 18.75 -0.74
N GLY B 19 11.20 18.73 0.02
CA GLY B 19 9.87 18.80 -0.54
C GLY B 19 8.96 17.63 -0.16
N ALA B 20 7.84 17.91 0.50
CA ALA B 20 6.94 16.84 0.88
C ALA B 20 6.27 16.29 -0.38
N ASP B 21 6.04 17.16 -1.38
CA ASP B 21 5.43 16.71 -2.63
C ASP B 21 6.41 15.78 -3.36
N LEU B 22 7.70 16.09 -3.33
CA LEU B 22 8.69 15.24 -3.95
C LEU B 22 8.79 13.91 -3.20
N ARG B 23 8.63 13.93 -1.88
CA ARG B 23 8.69 12.73 -1.07
C ARG B 23 7.48 11.80 -1.37
N ARG B 24 6.31 12.41 -1.48
CA ARG B 24 5.13 11.63 -1.78
C ARG B 24 5.09 11.10 -3.21
N ARG B 25 5.80 11.74 -4.14
CA ARG B 25 5.77 11.31 -5.55
C ARG B 25 7.04 10.55 -5.98
N PHE B 26 7.85 11.21 -6.79
CA PHE B 26 9.01 10.56 -7.39
C PHE B 26 9.87 9.82 -6.38
N VAL B 27 10.19 10.45 -5.25
CA VAL B 27 11.04 9.80 -4.26
C VAL B 27 10.36 8.53 -3.72
N SER B 28 9.04 8.55 -3.55
CA SER B 28 8.39 7.34 -3.01
C SER B 28 8.62 6.09 -3.94
N HIS B 29 8.68 6.31 -5.25
CA HIS B 29 8.95 5.21 -6.15
C HIS B 29 10.41 4.77 -6.09
N LEU B 30 11.30 5.75 -6.06
CA LEU B 30 12.72 5.46 -5.92
C LEU B 30 12.95 4.65 -4.63
N VAL B 31 12.32 5.07 -3.55
CA VAL B 31 12.47 4.35 -2.29
C VAL B 31 11.90 2.92 -2.40
N THR B 32 10.74 2.77 -3.00
CA THR B 32 10.19 1.45 -3.14
C THR B 32 11.12 0.53 -3.96
N ALA B 33 11.75 1.06 -5.02
CA ALA B 33 12.61 0.24 -5.86
C ALA B 33 13.92 -0.15 -5.13
N LEU B 34 14.48 0.77 -4.35
CA LEU B 34 15.66 0.42 -3.61
C LEU B 34 15.36 -0.66 -2.57
N LYS B 35 14.25 -0.52 -1.84
CA LYS B 35 13.91 -1.53 -0.84
C LYS B 35 13.67 -2.90 -1.51
N LEU B 36 13.10 -2.86 -2.71
CA LEU B 36 12.81 -4.05 -3.47
C LEU B 36 14.11 -4.80 -3.73
N ASN B 37 15.18 -4.05 -3.90
CA ASN B 37 16.47 -4.61 -4.17
C ASN B 37 17.32 -4.78 -2.91
N ASN B 38 16.67 -4.79 -1.74
CA ASN B 38 17.31 -4.93 -0.41
C ASN B 38 18.54 -4.03 -0.18
N ILE B 39 18.39 -2.77 -0.57
CA ILE B 39 19.39 -1.74 -0.35
C ILE B 39 18.97 -0.86 0.80
N ASN B 40 19.81 -0.67 1.80
CA ASN B 40 19.42 0.16 2.95
C ASN B 40 19.50 1.67 2.69
N VAL B 41 18.38 2.37 2.80
CA VAL B 41 18.41 3.80 2.49
C VAL B 41 18.05 4.70 3.68
N PHE B 42 18.65 5.88 3.68
CA PHE B 42 18.31 6.86 4.70
C PHE B 42 17.70 8.04 3.97
N ILE B 43 16.44 8.37 4.32
CA ILE B 43 15.72 9.48 3.71
C ILE B 43 16.09 10.78 4.41
N ASP B 44 16.31 11.84 3.64
CA ASP B 44 16.60 13.15 4.22
C ASP B 44 15.43 13.66 5.05
N ASP B 45 15.70 14.64 5.89
CA ASP B 45 14.65 15.39 6.56
C ASP B 45 14.05 16.38 5.56
N TYR B 46 13.16 15.88 4.71
CA TYR B 46 12.65 16.65 3.58
C TYR B 46 11.68 17.73 3.99
N GLU B 47 11.11 17.67 5.19
CA GLU B 47 10.27 18.76 5.64
C GLU B 47 10.99 19.78 6.51
N ASP B 48 12.26 19.51 6.83
CA ASP B 48 12.97 20.29 7.86
C ASP B 48 12.11 20.33 9.08
N ARG B 49 11.73 19.13 9.50
CA ARG B 49 10.88 18.94 10.64
C ARG B 49 11.81 18.90 11.83
N GLY B 50 13.09 19.14 11.55
CA GLY B 50 14.02 19.43 12.61
C GLY B 50 14.75 18.25 13.21
N GLN B 51 15.11 17.26 12.39
CA GLN B 51 16.03 16.23 12.85
C GLN B 51 17.32 17.00 13.06
N PRO B 52 18.05 16.71 14.15
CA PRO B 52 19.23 17.50 14.52
C PRO B 52 20.26 17.52 13.42
N LEU B 53 20.86 18.66 13.14
CA LEU B 53 21.78 18.76 12.02
C LEU B 53 22.98 17.81 12.16
N ASP B 54 23.51 17.67 13.38
CA ASP B 54 24.66 16.78 13.61
C ASP B 54 24.32 15.33 13.32
N VAL B 55 23.06 14.94 13.52
CA VAL B 55 22.68 13.57 13.20
C VAL B 55 22.66 13.36 11.69
N LEU B 56 22.05 14.30 10.97
CA LEU B 56 22.07 14.24 9.51
C LEU B 56 23.47 14.24 8.94
N LEU B 57 24.32 15.16 9.40
CA LEU B 57 25.64 15.26 8.79
C LEU B 57 26.45 14.00 9.08
N LYS B 58 26.19 13.37 10.22
CA LYS B 58 26.84 12.10 10.58
C LYS B 58 26.32 10.93 9.70
N ARG B 59 25.01 10.89 9.43
CA ARG B 59 24.43 9.88 8.58
C ARG B 59 25.02 9.95 7.19
N ILE B 60 25.20 11.17 6.70
CA ILE B 60 25.82 11.39 5.40
C ILE B 60 27.22 10.82 5.39
N GLU B 61 27.98 11.07 6.45
CA GLU B 61 29.36 10.63 6.51
C GLU B 61 29.45 9.08 6.56
N GLU B 62 28.48 8.47 7.24
CA GLU B 62 28.39 7.00 7.35
C GLU B 62 27.94 6.33 6.05
N SER B 63 27.43 7.10 5.10
CA SER B 63 26.98 6.54 3.84
C SER B 63 28.10 6.15 2.91
N LYS B 64 27.76 5.31 1.95
CA LYS B 64 28.66 4.96 0.86
C LYS B 64 28.22 5.70 -0.41
N ILE B 65 26.91 5.86 -0.56
CA ILE B 65 26.36 6.60 -1.68
C ILE B 65 25.48 7.74 -1.20
N VAL B 66 25.52 8.87 -1.89
CA VAL B 66 24.57 9.93 -1.64
C VAL B 66 23.92 10.26 -2.95
N LEU B 67 22.59 10.30 -2.94
CA LEU B 67 21.87 10.80 -4.10
C LEU B 67 21.45 12.21 -3.77
N ALA B 68 22.03 13.18 -4.46
CA ALA B 68 21.67 14.56 -4.22
C ALA B 68 20.61 14.95 -5.25
N ILE B 69 19.35 14.97 -4.83
CA ILE B 69 18.29 15.28 -5.75
C ILE B 69 17.99 16.76 -5.72
N PHE B 70 18.47 17.45 -6.73
CA PHE B 70 18.23 18.89 -6.87
C PHE B 70 16.85 19.16 -7.42
N SER B 71 15.98 19.77 -6.62
CA SER B 71 14.69 20.23 -7.12
C SER B 71 14.57 21.72 -6.81
N GLY B 72 13.47 22.34 -7.23
CA GLY B 72 13.28 23.76 -7.00
C GLY B 72 13.30 24.18 -5.53
N ASN B 73 13.10 23.24 -4.60
CA ASN B 73 13.00 23.60 -3.19
C ASN B 73 14.29 23.42 -2.39
N TYR B 74 15.28 22.80 -3.02
CA TYR B 74 16.56 22.47 -2.40
C TYR B 74 17.23 23.69 -1.74
N THR B 75 17.13 24.84 -2.40
CA THR B 75 17.88 26.01 -1.97
C THR B 75 17.11 26.91 -1.01
N GLU B 76 15.93 26.49 -0.55
CA GLU B 76 15.14 27.25 0.44
C GLU B 76 15.58 26.90 1.85
N SER B 77 16.24 25.76 1.99
CA SER B 77 16.63 25.23 3.29
C SER B 77 18.10 25.49 3.59
N VAL B 78 18.38 26.19 4.68
CA VAL B 78 19.78 26.38 5.03
C VAL B 78 20.36 25.01 5.38
N TRP B 79 19.55 24.14 6.00
CA TRP B 79 20.07 22.86 6.45
C TRP B 79 20.39 21.98 5.25
N CYS B 80 19.57 22.05 4.21
CA CYS B 80 19.81 21.24 3.03
C CYS B 80 21.10 21.71 2.36
N VAL B 81 21.32 23.02 2.34
CA VAL B 81 22.52 23.55 1.71
C VAL B 81 23.75 23.17 2.56
N ARG B 82 23.59 23.12 3.88
CA ARG B 82 24.68 22.64 4.73
C ARG B 82 25.00 21.17 4.46
N GLU B 83 23.96 20.39 4.15
CA GLU B 83 24.15 18.99 3.82
C GLU B 83 24.96 18.85 2.54
N LEU B 84 24.63 19.66 1.54
CA LEU B 84 25.40 19.62 0.30
C LEU B 84 26.87 19.93 0.57
N GLU B 85 27.14 20.93 1.44
CA GLU B 85 28.51 21.30 1.76
C GLU B 85 29.23 20.11 2.35
N LYS B 86 28.54 19.42 3.25
CA LYS B 86 29.06 18.20 3.88
C LYS B 86 29.27 17.11 2.84
N ILE B 87 28.34 16.99 1.88
CA ILE B 87 28.50 16.05 0.78
C ILE B 87 29.84 16.35 0.11
N LYS B 88 29.97 17.61 -0.31
CA LYS B 88 31.12 18.07 -1.05
C LYS B 88 32.43 17.86 -0.29
N ASP B 89 32.39 18.09 1.02
CA ASP B 89 33.59 17.91 1.84
C ASP B 89 33.96 16.44 1.87
N CYS B 90 32.99 15.57 2.06
CA CYS B 90 33.26 14.14 2.16
C CYS B 90 33.78 13.53 0.85
N THR B 91 33.25 13.95 -0.29
CA THR B 91 33.75 13.42 -1.55
C THR B 91 35.23 13.78 -1.73
N ASP B 92 35.62 14.94 -1.21
CA ASP B 92 37.00 15.43 -1.32
C ASP B 92 37.94 14.63 -0.44
N GLU B 93 37.38 13.87 0.50
CA GLU B 93 38.18 12.99 1.35
C GLU B 93 38.00 11.54 0.91
N GLY B 94 37.09 11.30 -0.03
CA GLY B 94 36.93 10.01 -0.69
C GLY B 94 36.22 8.92 0.06
N THR B 95 35.40 9.32 1.01
CA THR B 95 34.67 8.36 1.82
C THR B 95 33.31 8.04 1.20
N LEU B 96 32.90 8.73 0.12
CA LEU B 96 31.61 8.41 -0.51
C LEU B 96 31.43 8.77 -1.99
N VAL B 97 30.67 7.93 -2.68
CA VAL B 97 30.24 8.19 -4.05
C VAL B 97 28.99 9.06 -4.01
N ALA B 98 29.04 10.16 -4.74
CA ALA B 98 27.91 11.08 -4.82
C ALA B 98 27.34 11.07 -6.22
N ILE B 99 26.03 11.04 -6.33
CA ILE B 99 25.40 11.07 -7.63
C ILE B 99 24.36 12.20 -7.69
N PRO B 100 24.66 13.25 -8.45
CA PRO B 100 23.74 14.37 -8.63
C PRO B 100 22.51 13.94 -9.46
N ILE B 101 21.31 14.16 -8.94
CA ILE B 101 20.08 13.89 -9.70
C ILE B 101 19.38 15.22 -9.99
N PHE B 102 19.17 15.54 -11.27
CA PHE B 102 18.52 16.82 -11.59
C PHE B 102 17.04 16.64 -11.88
N TYR B 103 16.23 16.90 -10.87
CA TYR B 103 14.80 16.70 -11.02
C TYR B 103 14.10 17.93 -11.57
N LYS B 104 13.89 17.90 -12.88
CA LYS B 104 13.11 18.90 -13.61
C LYS B 104 13.73 20.30 -13.57
N LEU B 105 15.05 20.33 -13.52
CA LEU B 105 15.80 21.57 -13.77
C LEU B 105 17.07 21.23 -14.53
N GLU B 106 17.62 22.20 -15.27
CA GLU B 106 18.86 21.94 -15.99
C GLU B 106 20.05 22.08 -15.06
N PRO B 107 21.09 21.26 -15.26
CA PRO B 107 22.29 21.34 -14.41
C PRO B 107 22.95 22.72 -14.36
N SER B 108 22.96 23.45 -15.48
CA SER B 108 23.58 24.78 -15.50
C SER B 108 22.84 25.72 -14.54
N THR B 109 21.55 25.48 -14.36
CA THR B 109 20.73 26.25 -13.45
C THR B 109 21.25 26.08 -12.01
N VAL B 110 21.66 24.87 -11.71
CA VAL B 110 22.21 24.57 -10.41
C VAL B 110 23.59 25.16 -10.30
N ARG B 111 24.46 24.82 -11.26
CA ARG B 111 25.85 25.26 -11.28
C ARG B 111 26.01 26.79 -11.17
N ASP B 112 25.16 27.53 -11.85
CA ASP B 112 25.29 28.98 -11.90
C ASP B 112 24.20 29.69 -11.08
N LEU B 113 23.46 28.91 -10.29
CA LEU B 113 22.41 29.43 -9.38
C LEU B 113 21.48 30.41 -10.09
N LYS B 114 20.88 29.94 -11.18
CA LYS B 114 20.02 30.76 -12.02
C LYS B 114 18.56 30.64 -11.62
N GLY B 115 17.74 31.56 -12.15
CA GLY B 115 16.30 31.49 -12.01
C GLY B 115 15.77 31.35 -10.60
N LYS B 116 14.60 30.74 -10.50
CA LYS B 116 13.91 30.53 -9.23
C LYS B 116 14.82 29.83 -8.20
N PHE B 117 15.62 28.88 -8.68
CA PHE B 117 16.53 28.11 -7.85
C PHE B 117 17.55 29.01 -7.09
N GLY B 118 18.20 29.92 -7.80
CA GLY B 118 19.17 30.81 -7.21
C GLY B 118 18.58 31.95 -6.39
N ASP B 119 17.41 32.45 -6.84
CA ASP B 119 16.70 33.49 -6.13
C ASP B 119 16.37 33.03 -4.71
N ARG B 120 15.94 31.80 -4.58
CA ARG B 120 15.65 31.24 -3.26
C ARG B 120 16.93 31.07 -2.46
N PHE B 121 18.00 30.67 -3.13
CA PHE B 121 19.31 30.55 -2.50
C PHE B 121 19.80 31.91 -1.96
N ARG B 122 19.79 32.92 -2.84
CA ARG B 122 20.29 34.23 -2.46
C ARG B 122 19.45 34.81 -1.31
N SER B 123 18.15 34.59 -1.35
CA SER B 123 17.27 35.07 -0.29
C SER B 123 17.58 34.40 1.07
N MET B 124 17.82 33.09 1.04
CA MET B 124 18.08 32.36 2.28
C MET B 124 19.47 32.67 2.83
N ALA B 125 20.45 32.95 1.96
CA ALA B 125 21.82 33.15 2.43
C ALA B 125 22.24 34.62 2.55
N LYS B 126 21.28 35.55 2.48
CA LYS B 126 21.58 36.99 2.54
C LYS B 126 22.38 37.28 3.81
N GLY B 127 23.51 37.97 3.63
CA GLY B 127 24.38 38.38 4.71
C GLY B 127 24.95 37.27 5.57
N ASP B 128 25.06 36.08 5.00
CA ASP B 128 25.66 34.97 5.74
C ASP B 128 27.11 34.76 5.30
N GLU B 129 27.98 34.55 6.28
CA GLU B 129 29.43 34.40 6.05
C GLU B 129 29.78 33.20 5.15
N ARG B 130 28.97 32.14 5.20
CA ARG B 130 29.30 30.91 4.52
C ARG B 130 28.80 30.91 3.06
N LYS B 131 28.27 32.05 2.61
CA LYS B 131 27.63 32.14 1.29
C LYS B 131 28.58 31.75 0.16
N LYS B 132 29.81 32.25 0.20
CA LYS B 132 30.77 31.98 -0.85
C LYS B 132 31.10 30.49 -1.01
N LYS B 133 31.26 29.80 0.12
CA LYS B 133 31.65 28.40 0.19
C LYS B 133 30.53 27.53 -0.35
N TRP B 134 29.32 27.93 -0.01
CA TRP B 134 28.12 27.29 -0.53
C TRP B 134 28.04 27.46 -2.04
N LYS B 135 28.33 28.67 -2.52
CA LYS B 135 28.25 28.98 -3.95
C LYS B 135 29.17 28.08 -4.79
N GLU B 136 30.30 27.70 -4.20
CA GLU B 136 31.30 26.96 -4.94
C GLU B 136 30.88 25.49 -4.99
N ALA B 137 30.20 25.03 -3.95
CA ALA B 137 29.71 23.66 -3.90
C ALA B 137 28.69 23.43 -5.01
N PHE B 138 27.76 24.36 -5.16
CA PHE B 138 26.76 24.28 -6.22
C PHE B 138 27.44 24.36 -7.61
N ASN B 139 28.64 24.91 -7.64
CA ASN B 139 29.31 25.09 -8.90
C ASN B 139 30.09 23.84 -9.29
N LEU B 140 30.45 23.03 -8.28
CA LEU B 140 31.32 21.89 -8.49
C LEU B 140 30.59 20.53 -8.48
N ILE B 141 29.58 20.36 -7.63
CA ILE B 141 28.86 19.08 -7.55
C ILE B 141 28.20 18.67 -8.90
N PRO B 142 27.62 19.62 -9.65
CA PRO B 142 27.08 19.18 -10.96
C PRO B 142 28.09 18.71 -12.01
N ASN B 143 29.38 18.68 -11.71
CA ASN B 143 30.40 18.13 -12.62
C ASN B 143 30.60 16.65 -12.42
N ILE B 144 30.08 16.14 -11.32
CA ILE B 144 30.05 14.71 -11.11
C ILE B 144 28.94 14.16 -12.01
N MET B 145 29.27 13.06 -12.67
CA MET B 145 28.49 12.48 -13.74
C MET B 145 26.98 12.63 -13.64
N GLY B 146 26.35 12.02 -12.65
CA GLY B 146 24.94 12.33 -12.45
C GLY B 146 23.88 11.96 -13.50
N ILE B 147 22.62 12.16 -13.12
CA ILE B 147 21.43 11.76 -13.86
C ILE B 147 20.38 12.87 -14.02
N ILE B 148 19.87 13.03 -15.24
CA ILE B 148 18.91 14.10 -15.56
C ILE B 148 17.46 13.61 -15.74
N ILE B 149 16.52 14.33 -15.12
CA ILE B 149 15.09 14.03 -15.29
C ILE B 149 14.35 15.29 -15.77
N ASP B 150 14.00 15.34 -17.05
CA ASP B 150 13.22 16.47 -17.54
C ASP B 150 11.78 16.05 -17.75
N LYS B 151 10.96 16.92 -18.34
CA LYS B 151 9.54 16.65 -18.36
C LYS B 151 9.14 15.64 -19.43
N LYS B 152 10.04 15.34 -20.35
CA LYS B 152 9.81 14.29 -21.34
C LYS B 152 10.45 12.98 -20.88
N SER B 153 11.03 12.98 -19.69
CA SER B 153 11.68 11.76 -19.20
C SER B 153 10.65 10.78 -18.67
N VAL B 154 10.87 9.51 -18.95
CA VAL B 154 10.02 8.48 -18.37
C VAL B 154 10.49 8.17 -16.97
N GLU B 155 9.73 8.59 -15.97
CA GLU B 155 10.25 8.55 -14.60
C GLU B 155 10.60 7.14 -14.16
N SER B 156 9.78 6.19 -14.56
CA SER B 156 10.00 4.84 -14.11
C SER B 156 11.34 4.33 -14.63
N GLU B 157 11.71 4.79 -15.82
CA GLU B 157 12.98 4.43 -16.42
C GLU B 157 14.14 5.09 -15.66
N LYS B 158 13.93 6.32 -15.25
CA LYS B 158 14.92 7.07 -14.50
C LYS B 158 15.16 6.43 -13.12
N VAL B 159 14.08 5.99 -12.47
CA VAL B 159 14.18 5.23 -11.23
C VAL B 159 15.03 3.98 -11.42
N ASN B 160 14.71 3.19 -12.45
CA ASN B 160 15.56 2.04 -12.75
C ASN B 160 17.03 2.42 -13.07
N GLU B 161 17.23 3.53 -13.75
CA GLU B 161 18.57 3.99 -14.07
C GLU B 161 19.34 4.36 -12.78
N ILE B 162 18.66 5.01 -11.82
CA ILE B 162 19.30 5.39 -10.57
C ILE B 162 19.68 4.14 -9.75
N VAL B 163 18.73 3.21 -9.64
CA VAL B 163 18.96 1.96 -8.93
C VAL B 163 20.15 1.18 -9.52
N LYS B 164 20.28 1.23 -10.84
CA LYS B 164 21.39 0.57 -11.51
C LYS B 164 22.73 1.19 -11.08
N ALA B 165 22.77 2.51 -11.07
CA ALA B 165 23.98 3.23 -10.72
C ALA B 165 24.38 2.90 -9.28
N VAL B 166 23.38 2.81 -8.41
CA VAL B 166 23.60 2.44 -7.02
C VAL B 166 24.11 1.00 -6.89
N LYS B 167 23.52 0.07 -7.61
CA LYS B 167 24.03 -1.30 -7.54
C LYS B 167 25.49 -1.39 -7.97
N THR B 168 25.81 -0.76 -9.10
CA THR B 168 27.17 -0.70 -9.59
C THR B 168 28.14 -0.11 -8.56
N ALA B 169 27.74 1.02 -7.97
CA ALA B 169 28.62 1.68 -7.02
C ALA B 169 28.85 0.82 -5.78
N LEU B 170 27.83 0.07 -5.38
CA LEU B 170 27.93 -0.76 -4.18
C LEU B 170 28.84 -2.00 -4.40
N THR B 171 28.77 -2.59 -5.59
CA THR B 171 29.66 -3.72 -5.90
C THR B 171 31.12 -3.24 -5.97
N GLY B 172 31.30 -2.01 -6.43
CA GLY B 172 32.60 -1.44 -6.63
C GLY B 172 33.33 -1.05 -5.35
N ILE B 173 32.60 -0.93 -4.24
CA ILE B 173 33.21 -0.57 -2.97
C ILE B 173 33.90 -1.74 -2.29
N GLU C 6 18.05 -1.61 23.32
CA GLU C 6 17.46 -2.06 22.06
C GLU C 6 16.30 -1.16 21.61
N GLU C 7 16.33 -0.69 20.36
CA GLU C 7 15.30 0.22 19.88
C GLU C 7 14.08 -0.52 19.36
N PHE C 8 12.89 -0.01 19.67
CA PHE C 8 11.66 -0.70 19.32
C PHE C 8 10.43 0.20 19.21
N VAL C 9 9.32 -0.42 18.84
CA VAL C 9 8.09 0.27 18.54
C VAL C 9 6.96 -0.20 19.45
N CYS C 10 6.14 0.72 19.90
CA CYS C 10 5.04 0.38 20.78
C CYS C 10 3.69 0.62 20.11
N ILE C 11 2.87 -0.41 20.06
CA ILE C 11 1.51 -0.26 19.55
C ILE C 11 0.51 -0.23 20.68
N SER C 12 -0.35 0.78 20.71
CA SER C 12 -1.42 0.88 21.70
C SER C 12 -2.76 0.70 21.00
N CYS C 13 -3.66 -0.07 21.60
CA CYS C 13 -4.96 -0.30 20.98
C CYS C 13 -5.97 -0.80 22.01
N VAL C 14 -7.23 -0.86 21.62
CA VAL C 14 -8.27 -1.47 22.46
C VAL C 14 -8.37 -2.97 22.21
N GLU C 15 -9.13 -3.67 23.05
CA GLU C 15 -9.24 -5.13 23.01
C GLU C 15 -9.90 -5.64 21.74
N GLU C 16 -10.88 -4.90 21.26
CA GLU C 16 -11.69 -5.28 20.11
C GLU C 16 -10.86 -5.56 18.87
N VAL C 17 -9.71 -4.92 18.79
CA VAL C 17 -8.82 -5.09 17.64
C VAL C 17 -7.51 -5.85 17.91
N ARG C 18 -7.21 -6.13 19.17
CA ARG C 18 -5.89 -6.68 19.53
C ARG C 18 -5.53 -7.95 18.79
N TYR C 19 -6.49 -8.87 18.71
CA TYR C 19 -6.20 -10.18 18.14
C TYR C 19 -6.48 -10.25 16.64
N SER C 20 -7.06 -9.18 16.08
CA SER C 20 -7.34 -9.15 14.65
C SER C 20 -6.39 -8.17 13.96
N PHE C 21 -6.86 -6.94 13.71
CA PHE C 21 -6.09 -5.98 12.92
C PHE C 21 -4.69 -5.74 13.48
N VAL C 22 -4.59 -5.53 14.78
CA VAL C 22 -3.31 -5.20 15.38
C VAL C 22 -2.30 -6.33 15.26
N SER C 23 -2.76 -7.58 15.35
CA SER C 23 -1.84 -8.72 15.22
C SER C 23 -1.15 -8.71 13.85
N HIS C 24 -1.89 -8.30 12.83
CA HIS C 24 -1.38 -8.21 11.47
C HIS C 24 -0.32 -7.13 11.34
N LEU C 25 -0.54 -6.00 12.00
CA LEU C 25 0.41 -4.89 12.00
C LEU C 25 1.70 -5.31 12.69
N SER C 26 1.54 -5.98 13.83
CA SER C 26 2.67 -6.41 14.60
C SER C 26 3.52 -7.40 13.82
N GLU C 27 2.87 -8.33 13.14
CA GLU C 27 3.55 -9.34 12.32
C GLU C 27 4.25 -8.66 11.13
N ALA C 28 3.59 -7.68 10.51
CA ALA C 28 4.21 -7.00 9.37
C ALA C 28 5.50 -6.27 9.78
N LEU C 29 5.48 -5.60 10.93
CA LEU C 29 6.69 -4.97 11.46
C LEU C 29 7.76 -5.99 11.72
N ARG C 30 7.33 -7.12 12.28
CA ARG C 30 8.25 -8.15 12.66
C ARG C 30 8.92 -8.72 11.41
N ARG C 31 8.16 -8.82 10.31
CA ARG C 31 8.71 -9.29 9.02
C ARG C 31 9.75 -8.34 8.48
N LYS C 32 9.61 -7.08 8.84
CA LYS C 32 10.48 -6.02 8.34
C LYS C 32 11.66 -5.80 9.28
N GLY C 33 11.77 -6.64 10.31
CA GLY C 33 12.88 -6.57 11.23
C GLY C 33 12.74 -5.47 12.26
N ILE C 34 11.50 -5.12 12.59
CA ILE C 34 11.25 -4.10 13.60
C ILE C 34 10.56 -4.67 14.85
N ASN C 35 11.32 -4.78 15.95
CA ASN C 35 10.76 -5.22 17.25
C ASN C 35 9.58 -4.36 17.69
N ASN C 36 8.52 -4.99 18.18
CA ASN C 36 7.36 -4.26 18.67
C ASN C 36 6.63 -4.99 19.75
N VAL C 37 5.88 -4.26 20.56
CA VAL C 37 5.12 -4.82 21.66
C VAL C 37 3.76 -4.17 21.65
N VAL C 38 2.74 -4.92 22.06
CA VAL C 38 1.37 -4.42 22.03
C VAL C 38 0.83 -4.16 23.43
N VAL C 39 0.37 -2.93 23.65
CA VAL C 39 -0.22 -2.55 24.91
C VAL C 39 -1.74 -2.40 24.75
N ASP C 40 -2.49 -3.08 25.60
CA ASP C 40 -3.95 -2.96 25.59
C ASP C 40 -4.39 -1.89 26.60
N VAL C 41 -5.16 -0.91 26.14
CA VAL C 41 -5.51 0.23 26.97
C VAL C 41 -6.80 0.05 27.80
N ASP C 42 -7.46 -1.09 27.63
CA ASP C 42 -8.69 -1.38 28.39
C ASP C 42 -8.42 -1.80 29.83
N ILE C 43 -7.15 -1.96 30.15
CA ILE C 43 -6.70 -2.41 31.47
C ILE C 43 -6.56 -1.24 32.45
N ASP C 44 -6.87 -1.45 33.74
CA ASP C 44 -6.65 -0.39 34.73
C ASP C 44 -5.18 -0.31 35.11
N ASP C 45 -4.82 0.74 35.83
CA ASP C 45 -3.42 1.17 36.00
C ASP C 45 -2.49 0.25 36.82
N LEU C 46 -3.01 -0.81 37.44
CA LEU C 46 -2.17 -1.66 38.27
C LEU C 46 -1.38 -2.66 37.40
N LEU C 47 -2.05 -3.33 36.46
CA LEU C 47 -1.35 -4.23 35.55
C LEU C 47 -0.75 -3.37 34.43
N PHE C 48 -1.31 -2.16 34.30
CA PHE C 48 -0.90 -1.21 33.27
C PHE C 48 0.40 -0.42 33.52
N LYS C 49 0.85 -0.27 34.76
CA LYS C 49 2.00 0.61 34.97
C LYS C 49 3.34 -0.01 34.57
N GLU C 50 3.42 -1.33 34.44
CA GLU C 50 4.61 -1.91 33.81
C GLU C 50 4.58 -1.50 32.35
N SER C 51 3.39 -1.54 31.78
CA SER C 51 3.19 -1.21 30.38
C SER C 51 3.49 0.26 30.11
N GLN C 52 3.37 1.09 31.14
CA GLN C 52 3.70 2.51 31.05
C GLN C 52 5.17 2.68 30.63
N ALA C 53 6.03 1.77 31.11
CA ALA C 53 7.45 1.83 30.81
C ALA C 53 7.75 1.71 29.31
N LYS C 54 7.18 0.70 28.67
CA LYS C 54 7.50 0.45 27.27
C LYS C 54 7.01 1.60 26.40
N ILE C 55 5.88 2.20 26.75
CA ILE C 55 5.37 3.32 25.98
C ILE C 55 6.34 4.51 26.08
N GLU C 56 6.88 4.74 27.26
CA GLU C 56 7.75 5.90 27.49
C GLU C 56 9.08 5.84 26.72
N LYS C 57 9.70 4.67 26.67
CA LYS C 57 11.03 4.59 26.08
C LYS C 57 11.08 3.99 24.68
N ALA C 58 9.94 3.55 24.17
CA ALA C 58 9.85 3.15 22.77
C ALA C 58 10.17 4.33 21.88
N GLY C 59 10.91 4.09 20.81
CA GLY C 59 11.28 5.12 19.87
C GLY C 59 10.10 5.60 19.05
N VAL C 60 9.19 4.69 18.72
CA VAL C 60 7.97 5.08 18.02
C VAL C 60 6.73 4.46 18.68
N SER C 61 5.71 5.28 18.90
CA SER C 61 4.48 4.78 19.46
C SER C 61 3.38 4.83 18.40
N VAL C 62 2.67 3.73 18.22
CA VAL C 62 1.59 3.69 17.24
C VAL C 62 0.27 3.59 17.94
N MET C 63 -0.57 4.59 17.75
CA MET C 63 -1.86 4.61 18.42
C MET C 63 -2.95 4.14 17.47
N VAL C 64 -3.55 3.01 17.78
CA VAL C 64 -4.65 2.50 16.97
C VAL C 64 -5.96 2.85 17.65
N LEU C 65 -6.61 3.89 17.15
CA LEU C 65 -7.81 4.42 17.79
C LEU C 65 -9.08 3.71 17.29
N PRO C 66 -10.07 3.55 18.17
CA PRO C 66 -11.40 3.05 17.80
C PRO C 66 -12.20 4.20 17.21
N GLY C 67 -12.08 4.36 15.90
CA GLY C 67 -12.59 5.51 15.20
C GLY C 67 -14.10 5.58 15.07
N ASN C 68 -14.77 4.46 15.32
CA ASN C 68 -16.21 4.37 15.27
C ASN C 68 -16.90 4.97 16.48
N CYS C 69 -16.13 5.21 17.53
CA CYS C 69 -16.67 5.74 18.78
C CYS C 69 -16.42 7.23 18.89
N ASP C 70 -17.23 7.91 19.71
CA ASP C 70 -17.05 9.32 20.03
C ASP C 70 -15.77 9.55 20.82
N PRO C 71 -14.84 10.34 20.25
CA PRO C 71 -13.55 10.62 20.89
C PRO C 71 -13.65 11.21 22.30
N SER C 72 -14.60 12.12 22.53
CA SER C 72 -14.74 12.74 23.85
C SER C 72 -15.13 11.69 24.89
N GLU C 73 -15.79 10.63 24.44
CA GLU C 73 -16.24 9.58 25.33
C GLU C 73 -15.22 8.44 25.46
N VAL C 74 -14.06 8.62 24.84
CA VAL C 74 -13.07 7.54 24.71
C VAL C 74 -11.62 8.01 24.86
N TRP C 75 -11.33 9.18 24.30
CA TRP C 75 -9.96 9.71 24.28
C TRP C 75 -9.37 9.82 25.69
N LEU C 76 -9.92 10.73 26.48
CA LEU C 76 -9.43 10.97 27.83
C LEU C 76 -9.45 9.69 28.67
N ASP C 77 -10.49 8.88 28.47
CA ASP C 77 -10.73 7.68 29.28
C ASP C 77 -9.69 6.56 29.10
N LYS C 78 -9.16 6.42 27.89
CA LYS C 78 -8.29 5.28 27.59
C LYS C 78 -6.90 5.71 27.10
N PHE C 79 -6.86 6.73 26.25
CA PHE C 79 -5.64 7.07 25.51
C PHE C 79 -4.93 8.30 26.05
N ALA C 80 -5.58 9.03 26.96
CA ALA C 80 -4.91 10.18 27.57
C ALA C 80 -3.61 9.74 28.24
N LYS C 81 -3.67 8.63 28.96
CA LYS C 81 -2.52 8.18 29.73
C LYS C 81 -1.31 7.83 28.86
N VAL C 82 -1.54 7.24 27.69
CA VAL C 82 -0.43 6.91 26.81
C VAL C 82 0.09 8.19 26.15
N LEU C 83 -0.81 9.10 25.81
CA LEU C 83 -0.42 10.33 25.11
C LEU C 83 0.47 11.19 25.99
N GLU C 84 0.28 11.11 27.30
CA GLU C 84 1.08 11.93 28.19
C GLU C 84 2.42 11.25 28.49
N CYS C 85 2.65 10.11 27.86
CA CYS C 85 3.97 9.47 27.92
C CYS C 85 4.82 9.95 26.75
N GLN C 86 4.21 10.63 25.79
CA GLN C 86 4.94 11.31 24.72
C GLN C 86 5.61 12.54 25.28
N ARG C 87 5.11 12.98 26.43
CA ARG C 87 5.61 14.17 27.11
C ARG C 87 7.07 13.99 27.48
N ASN C 88 7.38 12.84 28.07
CA ASN C 88 8.71 12.53 28.59
C ASN C 88 9.79 12.50 27.51
N ASN C 89 9.39 12.03 26.33
CA ASN C 89 10.34 11.80 25.25
C ASN C 89 10.05 12.63 24.01
N LYS C 90 10.86 13.68 23.81
CA LYS C 90 10.68 14.57 22.67
C LYS C 90 11.24 13.90 21.41
N ASP C 91 12.04 12.86 21.63
CA ASP C 91 12.55 12.03 20.54
C ASP C 91 11.49 11.05 20.03
N GLN C 92 10.57 10.68 20.91
CA GLN C 92 9.55 9.71 20.51
C GLN C 92 8.61 10.33 19.50
N ALA C 93 8.44 9.64 18.37
CA ALA C 93 7.48 10.09 17.39
C ALA C 93 6.26 9.16 17.43
N VAL C 94 5.10 9.72 17.11
CA VAL C 94 3.81 9.04 17.24
C VAL C 94 3.11 8.87 15.87
N VAL C 95 2.63 7.67 15.61
CA VAL C 95 1.84 7.39 14.42
C VAL C 95 0.41 7.06 14.87
N SER C 96 -0.56 7.65 14.20
CA SER C 96 -1.94 7.56 14.66
C SER C 96 -2.78 6.82 13.65
N VAL C 97 -3.56 5.85 14.10
CA VAL C 97 -4.40 5.09 13.16
C VAL C 97 -5.86 5.17 13.54
N LEU C 98 -6.69 5.67 12.62
CA LEU C 98 -8.14 5.66 12.84
C LEU C 98 -8.73 4.41 12.22
N TYR C 99 -8.94 3.39 13.02
CA TYR C 99 -9.40 2.13 12.47
C TYR C 99 -10.89 1.95 12.76
N GLY C 100 -11.63 1.55 11.73
CA GLY C 100 -13.06 1.38 11.87
C GLY C 100 -13.78 1.52 10.54
N ASP C 101 -14.94 0.87 10.45
CA ASP C 101 -15.72 0.85 9.21
C ASP C 101 -16.75 1.98 9.12
N SER C 102 -16.91 2.75 10.19
CA SER C 102 -17.85 3.86 10.19
C SER C 102 -17.27 5.05 10.95
N LEU C 103 -16.19 5.60 10.41
CA LEU C 103 -15.41 6.60 11.13
C LEU C 103 -16.14 7.91 11.42
N LEU C 104 -16.02 8.36 12.67
CA LEU C 104 -16.27 9.75 13.00
C LEU C 104 -15.02 10.56 12.68
N ARG C 105 -14.77 10.76 11.39
CA ARG C 105 -13.52 11.34 10.93
C ARG C 105 -13.25 12.75 11.49
N ASP C 106 -14.19 13.66 11.27
CA ASP C 106 -14.00 15.05 11.65
C ASP C 106 -13.80 15.22 13.17
N GLN C 107 -14.60 14.49 13.97
CA GLN C 107 -14.45 14.52 15.41
C GLN C 107 -13.06 14.07 15.82
N TRP C 108 -12.58 13.00 15.21
CA TRP C 108 -11.30 12.45 15.59
C TRP C 108 -10.15 13.34 15.11
N LEU C 109 -10.31 13.92 13.92
CA LEU C 109 -9.28 14.78 13.37
C LEU C 109 -9.10 16.04 14.18
N SER C 110 -10.23 16.56 14.64
CA SER C 110 -10.20 17.75 15.46
C SER C 110 -9.51 17.37 16.77
N GLU C 111 -9.87 16.21 17.31
CA GLU C 111 -9.32 15.76 18.59
C GLU C 111 -7.80 15.52 18.51
N LEU C 112 -7.38 14.82 17.45
CA LEU C 112 -5.98 14.55 17.21
C LEU C 112 -5.21 15.87 16.92
N ASP C 113 -5.87 16.82 16.24
CA ASP C 113 -5.24 18.11 15.98
C ASP C 113 -4.90 18.79 17.29
N PHE C 114 -5.90 18.90 18.15
CA PHE C 114 -5.81 19.59 19.43
C PHE C 114 -4.71 19.03 20.35
N ARG C 115 -4.39 17.74 20.23
CA ARG C 115 -3.38 17.14 21.09
C ARG C 115 -1.98 17.19 20.47
N GLY C 116 -1.89 17.63 19.22
CA GLY C 116 -0.61 17.75 18.56
C GLY C 116 -0.10 16.47 17.89
N LEU C 117 -1.03 15.65 17.38
CA LEU C 117 -0.65 14.42 16.68
C LEU C 117 -0.85 14.62 15.21
N SER C 118 0.15 14.27 14.40
CA SER C 118 0.03 14.64 13.01
C SER C 118 0.14 13.48 12.03
N ARG C 119 0.91 12.44 12.34
CA ARG C 119 1.06 11.37 11.36
C ARG C 119 -0.16 10.44 11.36
N ILE C 120 -1.11 10.66 10.44
CA ILE C 120 -2.44 10.05 10.56
C ILE C 120 -2.84 9.16 9.40
N HIS C 121 -3.25 7.93 9.72
CA HIS C 121 -3.74 6.97 8.73
C HIS C 121 -5.18 6.54 9.03
N GLN C 122 -5.96 6.32 7.98
CA GLN C 122 -7.39 6.04 8.16
C GLN C 122 -7.87 4.84 7.38
N SER C 123 -8.85 4.14 7.94
CA SER C 123 -9.56 3.14 7.17
C SER C 123 -10.25 3.84 6.02
N ARG C 124 -10.26 3.19 4.86
CA ARG C 124 -10.95 3.66 3.69
C ARG C 124 -11.73 2.47 3.13
N LYS C 125 -12.89 2.74 2.54
CA LYS C 125 -13.70 1.65 2.02
C LYS C 125 -13.11 1.09 0.74
N GLU C 126 -12.29 1.89 0.06
CA GLU C 126 -11.65 1.49 -1.19
C GLU C 126 -10.43 0.58 -0.96
N CYS C 127 -9.89 0.61 0.26
CA CYS C 127 -8.64 -0.12 0.57
C CYS C 127 -8.80 -1.22 1.62
N SER C 128 -8.05 -2.30 1.45
CA SER C 128 -8.03 -3.39 2.42
C SER C 128 -7.24 -3.05 3.70
N ASP C 129 -7.42 -3.88 4.71
CA ASP C 129 -6.63 -3.74 5.91
C ASP C 129 -5.15 -4.07 5.60
N SER C 130 -4.92 -4.91 4.59
CA SER C 130 -3.57 -5.25 4.21
C SER C 130 -2.79 -4.04 3.66
N ILE C 131 -3.39 -3.29 2.74
CA ILE C 131 -2.77 -2.06 2.25
C ILE C 131 -2.57 -1.05 3.39
N LEU C 132 -3.56 -0.93 4.28
CA LEU C 132 -3.45 -0.03 5.42
C LEU C 132 -2.25 -0.39 6.31
N VAL C 133 -2.09 -1.69 6.60
CA VAL C 133 -0.98 -2.14 7.42
C VAL C 133 0.31 -1.78 6.69
N GLU C 134 0.36 -2.00 5.39
CA GLU C 134 1.53 -1.64 4.58
C GLU C 134 1.88 -0.14 4.64
N GLU C 135 0.85 0.70 4.60
CA GLU C 135 1.02 2.14 4.58
C GLU C 135 1.61 2.60 5.92
N ILE C 136 1.23 1.90 7.00
CA ILE C 136 1.70 2.22 8.34
C ILE C 136 3.15 1.75 8.58
N VAL C 137 3.46 0.54 8.12
CA VAL C 137 4.81 -0.01 8.22
C VAL C 137 5.82 0.90 7.49
N ARG C 138 5.43 1.38 6.32
CA ARG C 138 6.29 2.24 5.57
C ARG C 138 6.55 3.52 6.31
N ASP C 139 5.54 3.98 7.04
CA ASP C 139 5.62 5.22 7.81
C ASP C 139 6.48 5.03 9.03
N VAL C 140 6.30 3.90 9.70
CA VAL C 140 7.12 3.59 10.85
C VAL C 140 8.60 3.44 10.46
N TYR C 141 8.87 2.71 9.37
CA TYR C 141 10.24 2.54 8.90
C TYR C 141 10.98 3.87 8.73
N GLU C 142 10.33 4.82 8.07
CA GLU C 142 10.94 6.12 7.83
C GLU C 142 11.23 6.84 9.15
N THR C 143 10.35 6.63 10.12
CA THR C 143 10.45 7.27 11.41
C THR C 143 11.42 6.54 12.31
N HIS C 144 11.52 5.23 12.12
CA HIS C 144 12.34 4.37 12.95
C HIS C 144 13.81 4.81 12.97
N PHE C 145 14.36 5.15 11.80
CA PHE C 145 15.72 5.65 11.78
C PHE C 145 15.74 7.18 11.90
N TYR C 146 14.57 7.79 11.76
CA TYR C 146 14.44 9.24 11.90
C TYR C 146 14.89 9.66 13.30
N VAL C 147 14.57 8.81 14.29
CA VAL C 147 15.01 9.04 15.65
C VAL C 147 16.09 8.01 16.07
N GLY C 148 16.70 7.38 15.07
CA GLY C 148 17.79 6.43 15.31
C GLY C 148 18.97 7.05 16.04
N HIS D 11 0.42 -24.03 -10.04
CA HIS D 11 0.66 -23.78 -8.62
C HIS D 11 -0.45 -22.92 -8.02
N GLN D 12 -1.69 -23.32 -8.27
CA GLN D 12 -2.83 -22.48 -7.97
C GLN D 12 -3.57 -22.89 -6.69
N VAL D 13 -3.96 -21.88 -5.90
CA VAL D 13 -4.79 -22.06 -4.72
C VAL D 13 -6.09 -21.28 -4.88
N PHE D 14 -7.23 -21.94 -4.74
CA PHE D 14 -8.54 -21.28 -4.85
C PHE D 14 -9.05 -20.89 -3.47
N ILE D 15 -9.47 -19.64 -3.33
CA ILE D 15 -9.97 -19.21 -2.04
C ILE D 15 -11.48 -19.01 -2.12
N ASN D 16 -12.18 -19.95 -1.51
CA ASN D 16 -13.63 -20.07 -1.57
C ASN D 16 -14.28 -19.48 -0.32
N PHE D 17 -15.11 -18.45 -0.50
CA PHE D 17 -15.76 -17.76 0.61
C PHE D 17 -16.75 -16.72 0.11
N ARG D 18 -17.45 -16.07 1.03
CA ARG D 18 -18.36 -14.95 0.72
C ARG D 18 -18.24 -13.83 1.76
N GLY D 19 -18.43 -12.60 1.33
CA GLY D 19 -18.39 -11.48 2.26
C GLY D 19 -17.36 -10.44 1.87
N ALA D 20 -17.83 -9.22 1.62
CA ALA D 20 -16.96 -8.15 1.21
C ALA D 20 -16.09 -7.69 2.37
N ASP D 21 -16.64 -7.73 3.58
CA ASP D 21 -15.87 -7.35 4.76
C ASP D 21 -14.82 -8.38 5.07
N LEU D 22 -15.13 -9.64 4.82
CA LEU D 22 -14.16 -10.71 5.02
C LEU D 22 -13.02 -10.52 4.03
N ARG D 23 -13.37 -10.01 2.85
CA ARG D 23 -12.39 -9.77 1.80
C ARG D 23 -11.42 -8.66 2.18
N ARG D 24 -11.95 -7.56 2.72
CA ARG D 24 -11.16 -6.39 3.11
C ARG D 24 -10.33 -6.65 4.36
N ARG D 25 -10.80 -7.57 5.19
CA ARG D 25 -10.11 -7.81 6.44
C ARG D 25 -9.26 -9.09 6.40
N PHE D 26 -9.71 -10.14 7.07
CA PHE D 26 -8.88 -11.33 7.22
C PHE D 26 -8.31 -11.87 5.90
N VAL D 27 -9.15 -12.00 4.88
CA VAL D 27 -8.68 -12.59 3.64
C VAL D 27 -7.56 -11.75 2.97
N SER D 28 -7.65 -10.42 3.05
CA SER D 28 -6.63 -9.59 2.40
C SER D 28 -5.24 -9.88 2.97
N HIS D 29 -5.17 -10.18 4.27
CA HIS D 29 -3.90 -10.54 4.89
C HIS D 29 -3.43 -11.92 4.43
N LEU D 30 -4.35 -12.88 4.38
CA LEU D 30 -4.05 -14.21 3.88
C LEU D 30 -3.51 -14.16 2.47
N VAL D 31 -4.18 -13.38 1.63
CA VAL D 31 -3.77 -13.23 0.24
C VAL D 31 -2.39 -12.58 0.12
N THR D 32 -2.17 -11.52 0.88
CA THR D 32 -0.86 -10.88 0.86
C THR D 32 0.20 -11.89 1.31
N ALA D 33 -0.10 -12.75 2.28
CA ALA D 33 0.92 -13.69 2.73
C ALA D 33 1.22 -14.78 1.68
N LEU D 34 0.19 -15.29 0.99
CA LEU D 34 0.43 -16.26 -0.08
C LEU D 34 1.24 -15.65 -1.24
N LYS D 35 0.94 -14.41 -1.68
CA LYS D 35 1.74 -13.75 -2.73
C LYS D 35 3.20 -13.58 -2.26
N LEU D 36 3.37 -13.36 -0.96
CA LEU D 36 4.69 -13.19 -0.38
C LEU D 36 5.53 -14.43 -0.59
N ASN D 37 4.88 -15.58 -0.57
CA ASN D 37 5.52 -16.87 -0.73
C ASN D 37 5.41 -17.40 -2.13
N ASN D 38 5.20 -16.50 -3.09
CA ASN D 38 5.12 -16.82 -4.52
C ASN D 38 4.17 -17.97 -4.85
N ILE D 39 3.01 -17.93 -4.21
CA ILE D 39 1.93 -18.86 -4.45
C ILE D 39 0.83 -18.16 -5.24
N ASN D 40 0.45 -18.71 -6.38
CA ASN D 40 -0.57 -18.08 -7.20
C ASN D 40 -1.98 -18.32 -6.63
N VAL D 41 -2.72 -17.25 -6.34
CA VAL D 41 -4.06 -17.45 -5.77
C VAL D 41 -5.21 -16.95 -6.68
N PHE D 42 -6.37 -17.61 -6.56
CA PHE D 42 -7.60 -17.19 -7.23
C PHE D 42 -8.65 -16.79 -6.19
N ILE D 43 -9.13 -15.54 -6.25
CA ILE D 43 -10.13 -15.12 -5.28
C ILE D 43 -11.57 -15.36 -5.78
N ASP D 44 -12.41 -15.94 -4.92
CA ASP D 44 -13.80 -16.22 -5.28
C ASP D 44 -14.59 -14.96 -5.61
N ASP D 45 -15.72 -15.15 -6.28
CA ASP D 45 -16.66 -14.07 -6.50
C ASP D 45 -17.44 -13.84 -5.21
N TYR D 46 -16.82 -13.13 -4.28
CA TYR D 46 -17.33 -13.01 -2.92
C TYR D 46 -18.55 -12.12 -2.75
N GLU D 47 -18.79 -11.24 -3.71
CA GLU D 47 -19.96 -10.37 -3.66
C GLU D 47 -21.12 -10.94 -4.47
N ASP D 48 -20.87 -12.08 -5.12
CA ASP D 48 -21.77 -12.62 -6.14
C ASP D 48 -22.08 -11.50 -7.12
N ARG D 49 -21.03 -10.94 -7.70
CA ARG D 49 -21.14 -9.86 -8.67
C ARG D 49 -21.38 -10.48 -10.04
N GLY D 50 -21.54 -11.80 -10.05
CA GLY D 50 -22.06 -12.53 -11.20
C GLY D 50 -21.06 -13.05 -12.20
N GLN D 51 -19.90 -13.49 -11.74
CA GLN D 51 -19.01 -14.22 -12.63
C GLN D 51 -19.70 -15.54 -12.91
N PRO D 52 -19.68 -16.00 -14.18
CA PRO D 52 -20.42 -17.20 -14.55
C PRO D 52 -20.00 -18.41 -13.70
N LEU D 53 -21.00 -19.19 -13.27
CA LEU D 53 -20.75 -20.29 -12.36
C LEU D 53 -19.85 -21.35 -12.99
N ASP D 54 -20.03 -21.60 -14.29
CA ASP D 54 -19.21 -22.58 -14.99
C ASP D 54 -17.73 -22.16 -15.03
N VAL D 55 -17.46 -20.86 -15.01
CA VAL D 55 -16.08 -20.38 -14.99
C VAL D 55 -15.44 -20.65 -13.63
N LEU D 56 -16.18 -20.35 -12.56
CA LEU D 56 -15.71 -20.61 -11.20
C LEU D 56 -15.38 -22.09 -11.01
N LEU D 57 -16.30 -22.95 -11.44
CA LEU D 57 -16.16 -24.39 -11.23
C LEU D 57 -14.96 -24.95 -12.03
N LYS D 58 -14.67 -24.38 -13.19
CA LYS D 58 -13.50 -24.82 -13.91
C LYS D 58 -12.22 -24.36 -13.22
N ARG D 59 -12.23 -23.13 -12.72
CA ARG D 59 -11.09 -22.59 -11.99
C ARG D 59 -10.76 -23.45 -10.78
N ILE D 60 -11.81 -23.88 -10.09
CA ILE D 60 -11.69 -24.76 -8.94
C ILE D 60 -11.05 -26.10 -9.34
N GLU D 61 -11.48 -26.66 -10.45
CA GLU D 61 -11.01 -27.98 -10.88
C GLU D 61 -9.53 -27.96 -11.24
N GLU D 62 -9.11 -26.87 -11.86
CA GLU D 62 -7.71 -26.69 -12.25
C GLU D 62 -6.80 -26.37 -11.07
N SER D 63 -7.39 -26.06 -9.92
CA SER D 63 -6.59 -25.77 -8.74
C SER D 63 -5.97 -27.03 -8.16
N LYS D 64 -4.94 -26.86 -7.34
CA LYS D 64 -4.35 -27.98 -6.63
C LYS D 64 -4.77 -27.93 -5.17
N ILE D 65 -4.91 -26.73 -4.63
CA ILE D 65 -5.46 -26.53 -3.28
C ILE D 65 -6.71 -25.64 -3.33
N VAL D 66 -7.69 -25.96 -2.50
CA VAL D 66 -8.78 -25.03 -2.29
C VAL D 66 -8.86 -24.74 -0.81
N LEU D 67 -8.90 -23.46 -0.46
CA LEU D 67 -9.19 -23.05 0.91
C LEU D 67 -10.68 -22.71 0.98
N ALA D 68 -11.41 -23.52 1.73
CA ALA D 68 -12.83 -23.31 1.92
C ALA D 68 -13.02 -22.58 3.23
N ILE D 69 -13.29 -21.28 3.14
CA ILE D 69 -13.47 -20.48 4.36
C ILE D 69 -14.95 -20.39 4.73
N PHE D 70 -15.36 -21.18 5.73
CA PHE D 70 -16.75 -21.14 6.16
C PHE D 70 -17.02 -19.95 7.06
N SER D 71 -17.83 -19.03 6.58
CA SER D 71 -18.24 -17.91 7.42
C SER D 71 -19.76 -17.89 7.48
N GLY D 72 -20.30 -16.97 8.27
CA GLY D 72 -21.75 -16.86 8.44
C GLY D 72 -22.54 -16.62 7.17
N ASN D 73 -21.87 -16.15 6.13
CA ASN D 73 -22.55 -15.80 4.88
C ASN D 73 -22.43 -16.86 3.80
N TYR D 74 -21.64 -17.89 4.07
CA TYR D 74 -21.38 -18.97 3.11
C TYR D 74 -22.66 -19.64 2.58
N THR D 75 -23.62 -19.85 3.47
CA THR D 75 -24.82 -20.61 3.13
C THR D 75 -25.99 -19.77 2.61
N GLU D 76 -25.75 -18.49 2.32
CA GLU D 76 -26.79 -17.66 1.72
C GLU D 76 -26.76 -17.76 0.21
N SER D 77 -25.58 -18.06 -0.31
CA SER D 77 -25.36 -18.05 -1.75
C SER D 77 -25.46 -19.44 -2.31
N VAL D 78 -26.40 -19.62 -3.24
CA VAL D 78 -26.54 -20.91 -3.87
C VAL D 78 -25.27 -21.23 -4.66
N TRP D 79 -24.68 -20.20 -5.25
CA TRP D 79 -23.50 -20.40 -6.10
C TRP D 79 -22.32 -20.87 -5.27
N CYS D 80 -22.21 -20.37 -4.03
CA CYS D 80 -21.14 -20.76 -3.14
C CYS D 80 -21.33 -22.22 -2.75
N VAL D 81 -22.58 -22.63 -2.55
CA VAL D 81 -22.87 -24.01 -2.16
C VAL D 81 -22.64 -24.98 -3.34
N ARG D 82 -22.87 -24.50 -4.57
CA ARG D 82 -22.56 -25.31 -5.74
C ARG D 82 -21.04 -25.50 -5.84
N GLU D 83 -20.31 -24.47 -5.45
CA GLU D 83 -18.86 -24.52 -5.44
C GLU D 83 -18.36 -25.59 -4.46
N LEU D 84 -18.95 -25.64 -3.27
CA LEU D 84 -18.61 -26.65 -2.28
C LEU D 84 -18.85 -28.07 -2.81
N GLU D 85 -19.95 -28.24 -3.53
CA GLU D 85 -20.30 -29.53 -4.10
C GLU D 85 -19.23 -29.97 -5.09
N LYS D 86 -18.80 -29.05 -5.94
CA LYS D 86 -17.73 -29.32 -6.88
C LYS D 86 -16.40 -29.65 -6.15
N ILE D 87 -16.10 -28.91 -5.09
CA ILE D 87 -14.93 -29.18 -4.27
C ILE D 87 -14.93 -30.62 -3.75
N LYS D 88 -16.03 -31.00 -3.09
CA LYS D 88 -16.13 -32.33 -2.52
C LYS D 88 -15.99 -33.39 -3.61
N ASP D 89 -16.55 -33.13 -4.80
CA ASP D 89 -16.46 -34.08 -5.91
C ASP D 89 -15.02 -34.24 -6.38
N CYS D 90 -14.31 -33.14 -6.52
CA CYS D 90 -12.91 -33.17 -6.96
C CYS D 90 -12.00 -33.87 -5.94
N THR D 91 -12.28 -33.67 -4.67
CA THR D 91 -11.54 -34.37 -3.64
C THR D 91 -11.77 -35.87 -3.76
N ASP D 92 -12.96 -36.27 -4.20
CA ASP D 92 -13.28 -37.70 -4.32
C ASP D 92 -12.51 -38.36 -5.45
N GLU D 93 -11.99 -37.57 -6.38
CA GLU D 93 -11.17 -38.15 -7.44
C GLU D 93 -9.69 -37.91 -7.19
N GLY D 94 -9.39 -37.11 -6.15
CA GLY D 94 -8.02 -36.90 -5.74
C GLY D 94 -7.33 -35.89 -6.63
N THR D 95 -8.12 -35.00 -7.24
CA THR D 95 -7.57 -33.98 -8.12
C THR D 95 -7.28 -32.65 -7.42
N LEU D 96 -7.67 -32.54 -6.14
CA LEU D 96 -7.31 -31.36 -5.33
C LEU D 96 -7.41 -31.63 -3.83
N VAL D 97 -6.54 -30.96 -3.07
CA VAL D 97 -6.57 -30.96 -1.62
C VAL D 97 -7.46 -29.85 -1.11
N ALA D 98 -8.35 -30.17 -0.17
CA ALA D 98 -9.24 -29.16 0.41
C ALA D 98 -8.80 -28.83 1.83
N ILE D 99 -8.77 -27.54 2.13
CA ILE D 99 -8.40 -27.11 3.47
C ILE D 99 -9.50 -26.25 4.00
N PRO D 100 -10.32 -26.83 4.88
CA PRO D 100 -11.46 -26.08 5.45
C PRO D 100 -10.99 -25.09 6.52
N ILE D 101 -11.38 -23.83 6.36
CA ILE D 101 -11.13 -22.81 7.37
C ILE D 101 -12.44 -22.48 8.06
N PHE D 102 -12.48 -22.60 9.38
CA PHE D 102 -13.68 -22.25 10.12
C PHE D 102 -13.52 -20.84 10.71
N TYR D 103 -14.11 -19.88 10.03
CA TYR D 103 -13.99 -18.49 10.44
C TYR D 103 -15.11 -18.11 11.41
N LYS D 104 -14.77 -18.13 12.69
CA LYS D 104 -15.64 -17.68 13.79
C LYS D 104 -16.95 -18.48 13.90
N LEU D 105 -16.86 -19.75 13.53
CA LEU D 105 -17.84 -20.78 13.85
C LEU D 105 -17.13 -22.13 14.04
N GLU D 106 -17.74 -23.02 14.84
CA GLU D 106 -17.20 -24.36 15.11
C GLU D 106 -17.54 -25.38 14.02
N PRO D 107 -16.65 -26.36 13.78
CA PRO D 107 -16.91 -27.42 12.79
C PRO D 107 -18.25 -28.15 13.01
N SER D 108 -18.66 -28.35 14.25
CA SER D 108 -19.94 -28.99 14.51
C SER D 108 -21.07 -28.12 13.95
N THR D 109 -20.89 -26.80 13.93
CA THR D 109 -21.91 -25.93 13.34
C THR D 109 -22.03 -26.19 11.85
N VAL D 110 -20.89 -26.38 11.19
CA VAL D 110 -20.87 -26.67 9.76
C VAL D 110 -21.32 -28.11 9.46
N ARG D 111 -20.68 -29.07 10.11
CA ARG D 111 -20.96 -30.49 9.89
C ARG D 111 -22.44 -30.85 10.02
N ASP D 112 -23.09 -30.31 11.05
CA ASP D 112 -24.48 -30.65 11.34
C ASP D 112 -25.43 -29.50 11.02
N LEU D 113 -24.92 -28.49 10.33
CA LEU D 113 -25.75 -27.36 9.88
C LEU D 113 -26.60 -26.74 10.99
N LYS D 114 -25.94 -26.28 12.06
CA LYS D 114 -26.64 -25.72 13.21
C LYS D 114 -26.82 -24.21 13.11
N GLY D 115 -27.67 -23.67 13.99
CA GLY D 115 -27.85 -22.24 14.14
C GLY D 115 -28.13 -21.49 12.86
N LYS D 116 -27.78 -20.20 12.85
CA LYS D 116 -27.97 -19.34 11.70
C LYS D 116 -27.31 -19.90 10.44
N PHE D 117 -26.14 -20.50 10.60
CA PHE D 117 -25.44 -21.05 9.45
C PHE D 117 -26.31 -22.04 8.70
N GLY D 118 -26.93 -22.96 9.44
CA GLY D 118 -27.78 -23.96 8.83
C GLY D 118 -29.14 -23.43 8.39
N ASP D 119 -29.70 -22.51 9.18
CA ASP D 119 -31.00 -21.92 8.86
C ASP D 119 -31.01 -21.24 7.50
N ARG D 120 -29.91 -20.55 7.18
CA ARG D 120 -29.76 -19.91 5.89
C ARG D 120 -29.65 -20.94 4.78
N PHE D 121 -28.95 -22.05 5.05
CA PHE D 121 -28.86 -23.14 4.09
C PHE D 121 -30.24 -23.72 3.78
N ARG D 122 -30.96 -24.11 4.82
CA ARG D 122 -32.29 -24.68 4.68
C ARG D 122 -33.28 -23.69 4.07
N SER D 123 -33.12 -22.42 4.44
CA SER D 123 -33.93 -21.36 3.84
C SER D 123 -33.62 -21.22 2.35
N MET D 124 -32.34 -21.27 2.02
CA MET D 124 -31.92 -21.09 0.64
C MET D 124 -32.21 -22.34 -0.18
N ALA D 125 -32.11 -23.51 0.44
CA ALA D 125 -32.17 -24.79 -0.27
C ALA D 125 -33.56 -25.43 -0.24
N LYS D 126 -34.59 -24.64 0.05
CA LYS D 126 -35.96 -25.13 0.09
C LYS D 126 -36.36 -25.84 -1.22
N GLY D 127 -36.77 -27.10 -1.10
CA GLY D 127 -37.26 -27.83 -2.27
C GLY D 127 -36.33 -27.97 -3.46
N ASP D 128 -35.02 -28.04 -3.22
CA ASP D 128 -34.07 -28.19 -4.30
C ASP D 128 -33.62 -29.65 -4.41
N GLU D 129 -33.50 -30.11 -5.66
CA GLU D 129 -33.18 -31.49 -5.99
C GLU D 129 -31.85 -31.92 -5.38
N ARG D 130 -30.93 -30.97 -5.32
CA ARG D 130 -29.56 -31.26 -4.91
C ARG D 130 -29.32 -31.05 -3.42
N LYS D 131 -30.37 -30.70 -2.67
CA LYS D 131 -30.21 -30.36 -1.26
C LYS D 131 -29.53 -31.44 -0.44
N LYS D 132 -29.97 -32.68 -0.63
CA LYS D 132 -29.48 -33.80 0.16
C LYS D 132 -27.97 -33.99 -0.06
N LYS D 133 -27.52 -33.82 -1.30
CA LYS D 133 -26.11 -33.96 -1.62
C LYS D 133 -25.30 -32.79 -1.02
N TRP D 134 -25.89 -31.60 -1.04
CA TRP D 134 -25.27 -30.42 -0.41
C TRP D 134 -25.10 -30.69 1.07
N LYS D 135 -26.10 -31.34 1.67
CA LYS D 135 -26.03 -31.71 3.08
C LYS D 135 -24.80 -32.57 3.33
N GLU D 136 -24.48 -33.39 2.34
CA GLU D 136 -23.46 -34.42 2.48
C GLU D 136 -22.08 -33.81 2.34
N ALA D 137 -21.97 -32.77 1.53
CA ALA D 137 -20.72 -32.06 1.40
C ALA D 137 -20.39 -31.36 2.71
N PHE D 138 -21.38 -30.66 3.25
CA PHE D 138 -21.18 -29.94 4.50
C PHE D 138 -20.83 -30.91 5.63
N ASN D 139 -21.25 -32.17 5.50
CA ASN D 139 -21.07 -33.14 6.56
C ASN D 139 -19.72 -33.87 6.53
N LEU D 140 -19.09 -33.93 5.36
CA LEU D 140 -17.89 -34.74 5.20
C LEU D 140 -16.63 -33.87 5.18
N ILE D 141 -16.75 -32.63 4.67
CA ILE D 141 -15.58 -31.75 4.57
C ILE D 141 -14.88 -31.49 5.92
N PRO D 142 -15.64 -31.31 7.03
CA PRO D 142 -15.04 -31.21 8.37
C PRO D 142 -14.35 -32.48 8.91
N ASN D 143 -14.24 -33.53 8.11
CA ASN D 143 -13.49 -34.70 8.54
C ASN D 143 -12.03 -34.48 8.28
N ILE D 144 -11.78 -33.47 7.44
CA ILE D 144 -10.45 -32.95 7.21
C ILE D 144 -10.11 -32.02 8.35
N MET D 145 -8.91 -32.24 8.91
CA MET D 145 -8.38 -31.56 10.08
C MET D 145 -8.69 -30.05 10.14
N GLY D 146 -8.17 -29.30 9.18
CA GLY D 146 -8.53 -27.90 9.02
C GLY D 146 -8.01 -26.91 10.07
N ILE D 147 -8.32 -25.64 9.88
CA ILE D 147 -7.85 -24.56 10.75
C ILE D 147 -9.02 -23.80 11.32
N ILE D 148 -9.03 -23.63 12.63
CA ILE D 148 -10.12 -22.96 13.32
C ILE D 148 -9.74 -21.57 13.80
N ILE D 149 -10.61 -20.62 13.52
CA ILE D 149 -10.40 -19.24 13.92
C ILE D 149 -11.55 -18.81 14.80
N ASP D 150 -11.32 -18.67 16.10
CA ASP D 150 -12.38 -18.16 16.95
C ASP D 150 -12.10 -16.71 17.30
N LYS D 151 -12.93 -16.15 18.16
CA LYS D 151 -12.93 -14.70 18.37
C LYS D 151 -11.78 -14.24 19.25
N LYS D 152 -11.18 -15.17 19.97
CA LYS D 152 -9.98 -14.88 20.75
C LYS D 152 -8.68 -15.35 20.06
N SER D 153 -8.79 -15.84 18.81
CA SER D 153 -7.62 -16.35 18.09
C SER D 153 -6.74 -15.23 17.57
N VAL D 154 -5.43 -15.43 17.56
CA VAL D 154 -4.51 -14.45 16.97
C VAL D 154 -4.49 -14.62 15.44
N GLU D 155 -5.13 -13.69 14.74
CA GLU D 155 -5.40 -13.84 13.31
C GLU D 155 -4.14 -13.95 12.47
N SER D 156 -3.12 -13.19 12.83
CA SER D 156 -1.90 -13.21 12.04
C SER D 156 -1.27 -14.58 12.15
N GLU D 157 -1.40 -15.20 13.33
CA GLU D 157 -0.87 -16.53 13.54
C GLU D 157 -1.65 -17.55 12.70
N LYS D 158 -2.95 -17.33 12.58
CA LYS D 158 -3.77 -18.25 11.82
C LYS D 158 -3.40 -18.17 10.35
N VAL D 159 -3.17 -16.95 9.87
CA VAL D 159 -2.69 -16.77 8.51
C VAL D 159 -1.43 -17.60 8.27
N ASN D 160 -0.46 -17.49 9.19
CA ASN D 160 0.74 -18.31 9.08
C ASN D 160 0.42 -19.82 9.11
N GLU D 161 -0.54 -20.21 9.93
CA GLU D 161 -0.91 -21.62 10.01
C GLU D 161 -1.49 -22.12 8.67
N ILE D 162 -2.29 -21.29 8.00
CA ILE D 162 -2.87 -21.64 6.71
C ILE D 162 -1.78 -21.70 5.63
N VAL D 163 -0.91 -20.70 5.58
CA VAL D 163 0.19 -20.68 4.60
C VAL D 163 1.13 -21.89 4.76
N LYS D 164 1.36 -22.28 6.01
CA LYS D 164 2.15 -23.46 6.33
C LYS D 164 1.46 -24.73 5.76
N ALA D 165 0.15 -24.86 6.02
CA ALA D 165 -0.61 -26.03 5.55
C ALA D 165 -0.59 -26.11 4.04
N VAL D 166 -0.71 -24.95 3.41
CA VAL D 166 -0.67 -24.86 1.96
C VAL D 166 0.70 -25.31 1.45
N LYS D 167 1.77 -24.85 2.11
CA LYS D 167 3.11 -25.28 1.72
C LYS D 167 3.25 -26.79 1.86
N THR D 168 2.78 -27.32 2.98
CA THR D 168 2.80 -28.75 3.27
C THR D 168 2.07 -29.55 2.17
N ALA D 169 0.88 -29.10 1.78
CA ALA D 169 0.12 -29.78 0.74
C ALA D 169 0.83 -29.68 -0.63
N LEU D 170 1.52 -28.58 -0.89
CA LEU D 170 2.27 -28.43 -2.14
C LEU D 170 3.52 -29.31 -2.14
N THR D 171 4.12 -29.51 -0.97
CA THR D 171 5.31 -30.34 -0.83
C THR D 171 5.04 -31.80 -1.21
N GLY D 172 3.86 -32.29 -0.85
CA GLY D 172 3.45 -33.66 -1.11
C GLY D 172 3.03 -33.96 -2.54
N ILE D 173 2.74 -32.90 -3.30
CA ILE D 173 2.30 -33.06 -4.68
C ILE D 173 3.48 -33.32 -5.64
#